data_5GLU
#
_entry.id   5GLU
#
_cell.length_a   60.620
_cell.length_b   83.981
_cell.length_c   78.766
_cell.angle_alpha   90.00
_cell.angle_beta   109.42
_cell.angle_gamma   90.00
#
_symmetry.space_group_name_H-M   'P 1 21 1'
#
loop_
_entity.id
_entity.type
_entity.pdbx_description
1 polymer GALECTIN
2 branched 'N-acetyl-alpha-neuraminic acid-(2-3)-beta-D-galactopyranose-(1-4)-alpha-D-glucopyranose'
3 water water
#
_entity_poly.entity_id   1
_entity_poly.type   'polypeptide(L)'
_entity_poly.pdbx_seq_one_letter_code
;HHHHHHMATETNYPVPYRSKLTEPFEPGQTLIIKGKTAEDSVRFTINLHNTSADFSGNDVPLHISVRFDEGKIVFNTFSK
GEWGKEERKSNPYKKGDDIDIRIRAHDSKFSISVDQKEVKEYEHRVPLSSVTHFSVDGDILITYIHWGGKYYPVPYESGL
AGDGLAPGKSLLIFATPEKKGKRFHINLLKKNGDIALHFNPRFDEKAIVRNSLISGEWGNEEREGKNPLEKGIGCDLEFR
NEEYAFQIYVDGERFATYAHRLDPHDINGLQIGGDVEVTGIQMV
;
_entity_poly.pdbx_strand_id   A,B
#
# COMPACT_ATOMS: atom_id res chain seq x y z
N MET A 7 27.15 12.80 7.35
CA MET A 7 27.19 11.98 6.11
C MET A 7 26.65 12.78 4.91
N ALA A 8 26.10 13.95 5.18
CA ALA A 8 25.55 14.80 4.14
C ALA A 8 26.62 15.76 3.60
N THR A 9 26.78 16.89 4.29
CA THR A 9 27.76 17.89 3.89
C THR A 9 28.89 17.99 4.93
N GLU A 10 30.05 17.45 4.58
CA GLU A 10 31.22 17.45 5.46
C GLU A 10 31.32 18.72 6.31
N THR A 11 31.36 19.87 5.65
CA THR A 11 31.45 21.16 6.32
C THR A 11 32.48 21.11 7.45
N ASN A 12 32.20 21.82 8.54
CA ASN A 12 33.10 21.84 9.68
C ASN A 12 32.94 20.53 10.44
N TYR A 13 33.74 20.36 11.48
CA TYR A 13 33.71 19.17 12.33
C TYR A 13 33.40 17.84 11.63
N PRO A 14 34.14 17.49 10.57
CA PRO A 14 33.86 16.21 9.92
C PRO A 14 34.32 15.03 10.80
N VAL A 15 33.56 13.94 10.78
CA VAL A 15 33.90 12.78 11.59
C VAL A 15 34.64 11.75 10.75
N PRO A 16 35.52 10.94 11.37
CA PRO A 16 35.87 10.94 12.80
C PRO A 16 36.47 12.28 13.26
N TYR A 17 35.90 12.88 14.30
CA TYR A 17 36.39 14.15 14.80
C TYR A 17 37.26 13.96 16.06
N ARG A 18 38.36 14.72 16.13
CA ARG A 18 39.25 14.66 17.28
C ARG A 18 39.86 16.03 17.56
N SER A 19 39.93 16.38 18.84
CA SER A 19 40.48 17.66 19.24
C SER A 19 41.31 17.53 20.51
N LYS A 20 42.52 18.08 20.46
CA LYS A 20 43.40 18.06 21.62
C LYS A 20 43.13 19.33 22.40
N LEU A 21 42.82 19.19 23.68
CA LEU A 21 42.51 20.34 24.52
C LEU A 21 43.76 21.20 24.75
N THR A 22 43.55 22.51 24.85
CA THR A 22 44.64 23.46 25.08
C THR A 22 45.12 23.32 26.52
N GLU A 23 44.21 22.93 27.40
CA GLU A 23 44.48 22.72 28.82
C GLU A 23 43.54 21.62 29.29
N PRO A 24 43.91 20.88 30.34
CA PRO A 24 43.08 19.79 30.86
C PRO A 24 41.67 20.23 31.24
N PHE A 25 40.72 19.31 31.09
CA PHE A 25 39.32 19.58 31.42
C PHE A 25 39.26 19.85 32.93
N GLU A 26 38.65 20.96 33.32
CA GLU A 26 38.56 21.31 34.74
C GLU A 26 37.15 21.46 35.30
N PRO A 27 36.98 21.31 36.62
CA PRO A 27 35.66 21.45 37.23
C PRO A 27 35.09 22.76 36.73
N GLY A 28 33.79 22.77 36.44
CA GLY A 28 33.19 23.93 35.84
C GLY A 28 33.49 23.51 34.41
N GLN A 29 33.40 24.38 33.43
CA GLN A 29 33.72 23.95 32.06
C GLN A 29 32.76 22.90 31.51
N THR A 30 32.20 23.22 30.35
CA THR A 30 31.24 22.36 29.67
C THR A 30 31.67 22.08 28.24
N LEU A 31 31.36 20.87 27.77
CA LEU A 31 31.65 20.48 26.40
C LEU A 31 30.28 20.32 25.75
N ILE A 32 30.02 21.10 24.70
CA ILE A 32 28.76 21.07 24.00
C ILE A 32 28.92 20.45 22.61
N ILE A 33 28.02 19.52 22.29
CA ILE A 33 28.04 18.85 21.00
C ILE A 33 26.64 18.79 20.42
N LYS A 34 26.48 19.35 19.22
CA LYS A 34 25.20 19.36 18.54
C LYS A 34 25.39 18.77 17.15
N GLY A 35 24.39 18.06 16.68
CA GLY A 35 24.51 17.46 15.36
C GLY A 35 23.19 16.96 14.80
N LYS A 36 23.26 16.40 13.61
CA LYS A 36 22.10 15.87 12.92
C LYS A 36 22.29 14.39 12.67
N THR A 37 21.21 13.63 12.71
CA THR A 37 21.27 12.19 12.44
C THR A 37 20.38 11.87 11.25
N ALA A 38 20.64 10.73 10.61
CA ALA A 38 19.88 10.30 9.45
C ALA A 38 18.88 9.22 9.85
N GLU A 39 17.91 8.95 8.98
CA GLU A 39 16.89 7.94 9.27
C GLU A 39 17.51 6.55 9.37
N ASP A 40 18.76 6.41 8.94
CA ASP A 40 19.43 5.13 9.00
C ASP A 40 20.55 5.11 10.05
N SER A 41 20.69 6.20 10.81
CA SER A 41 21.72 6.26 11.85
C SER A 41 21.52 5.13 12.86
N VAL A 42 22.60 4.46 13.25
CA VAL A 42 22.50 3.38 14.22
C VAL A 42 23.05 3.84 15.57
N ARG A 43 24.19 4.53 15.56
CA ARG A 43 24.74 5.05 16.79
C ARG A 43 25.92 5.98 16.57
N PHE A 44 26.24 6.77 17.59
CA PHE A 44 27.39 7.66 17.54
C PHE A 44 27.98 7.72 18.95
N THR A 45 29.23 8.15 19.04
CA THR A 45 29.93 8.21 20.32
C THR A 45 30.62 9.54 20.57
N ILE A 46 30.75 9.87 21.86
CA ILE A 46 31.42 11.06 22.35
C ILE A 46 32.37 10.55 23.43
N ASN A 47 33.67 10.73 23.23
CA ASN A 47 34.67 10.27 24.18
C ASN A 47 35.57 11.35 24.73
N LEU A 48 35.80 11.29 26.04
CA LEU A 48 36.71 12.20 26.72
C LEU A 48 37.82 11.23 26.99
N HIS A 49 39.00 11.49 26.43
CA HIS A 49 40.07 10.55 26.63
C HIS A 49 41.47 11.11 26.76
N ASN A 50 42.40 10.17 26.87
CA ASN A 50 43.79 10.46 27.04
C ASN A 50 44.55 9.97 25.81
N THR A 51 45.79 10.46 25.69
CA THR A 51 46.70 10.13 24.60
C THR A 51 47.72 11.25 24.45
N SER A 52 48.77 10.98 23.70
CA SER A 52 49.83 11.96 23.47
C SER A 52 49.34 13.03 22.49
N ALA A 53 49.09 12.61 21.25
CA ALA A 53 48.61 13.51 20.21
C ALA A 53 48.37 12.75 18.91
N ASP A 54 48.57 11.44 18.95
CA ASP A 54 48.37 10.60 17.77
C ASP A 54 48.27 9.12 18.16
N PHE A 55 48.67 8.80 19.38
CA PHE A 55 48.64 7.42 19.86
C PHE A 55 47.20 6.93 20.02
N SER A 56 46.34 7.78 20.58
CA SER A 56 44.94 7.44 20.81
C SER A 56 44.79 6.32 21.83
N GLY A 57 43.56 6.12 22.32
CA GLY A 57 43.31 5.08 23.29
C GLY A 57 43.72 5.44 24.70
N ASN A 58 44.74 4.74 25.23
CA ASN A 58 45.25 4.98 26.57
C ASN A 58 44.14 4.85 27.63
N ASP A 59 43.50 5.96 27.97
CA ASP A 59 42.43 5.96 28.95
C ASP A 59 41.27 6.78 28.41
N VAL A 60 40.06 6.39 28.77
CA VAL A 60 38.85 7.08 28.36
C VAL A 60 38.02 7.30 29.64
N PRO A 61 38.31 8.39 30.38
CA PRO A 61 37.59 8.70 31.62
C PRO A 61 36.08 8.63 31.44
N LEU A 62 35.61 9.14 30.30
CA LEU A 62 34.18 9.09 30.01
C LEU A 62 33.87 8.76 28.55
N HIS A 63 33.17 7.65 28.36
CA HIS A 63 32.74 7.18 27.05
C HIS A 63 31.20 7.27 27.04
N ILE A 64 30.66 7.94 26.05
CA ILE A 64 29.23 8.07 25.89
C ILE A 64 28.88 7.43 24.55
N SER A 65 27.90 6.54 24.57
CA SER A 65 27.44 5.84 23.39
C SER A 65 25.94 6.05 23.22
N VAL A 66 25.56 6.73 22.14
CA VAL A 66 24.14 6.99 21.88
C VAL A 66 23.70 5.92 20.90
N ARG A 67 22.86 5.01 21.39
CA ARG A 67 22.41 3.89 20.58
C ARG A 67 20.95 3.96 20.17
N PHE A 68 20.72 4.08 18.87
CA PHE A 68 19.38 4.14 18.32
C PHE A 68 18.81 2.72 18.18
N ASP A 69 19.69 1.73 18.04
CA ASP A 69 19.26 0.36 17.93
C ASP A 69 18.75 -0.14 19.28
N GLU A 70 19.52 0.12 20.34
CA GLU A 70 19.19 -0.29 21.69
C GLU A 70 18.23 0.69 22.37
N GLY A 71 18.14 1.89 21.82
CA GLY A 71 17.26 2.90 22.40
C GLY A 71 17.78 3.39 23.75
N LYS A 72 19.11 3.43 23.90
CA LYS A 72 19.72 3.87 25.15
C LYS A 72 20.94 4.75 24.94
N ILE A 73 21.32 5.44 26.00
CA ILE A 73 22.53 6.26 26.02
C ILE A 73 23.34 5.55 27.09
N VAL A 74 24.53 5.09 26.71
CA VAL A 74 25.40 4.32 27.59
C VAL A 74 26.68 5.07 27.99
N PHE A 75 27.05 4.97 29.27
CA PHE A 75 28.24 5.64 29.80
C PHE A 75 29.18 4.60 30.40
N ASN A 76 30.48 4.81 30.23
CA ASN A 76 31.44 3.88 30.78
C ASN A 76 32.82 4.50 30.82
N THR A 77 33.76 3.77 31.39
CA THR A 77 35.14 4.21 31.50
C THR A 77 36.07 3.08 31.10
N PHE A 78 37.16 3.45 30.42
CA PHE A 78 38.18 2.49 30.01
C PHE A 78 39.50 2.95 30.62
N SER A 79 40.19 2.06 31.32
CA SER A 79 41.47 2.40 31.91
C SER A 79 42.24 1.14 32.20
N LYS A 80 43.57 1.22 32.10
CA LYS A 80 44.41 0.07 32.36
C LYS A 80 43.99 -1.08 31.45
N GLY A 81 43.56 -0.75 30.24
CA GLY A 81 43.16 -1.78 29.29
C GLY A 81 41.87 -2.52 29.59
N GLU A 82 41.03 -1.97 30.45
CA GLU A 82 39.76 -2.62 30.80
C GLU A 82 38.59 -1.65 30.86
N TRP A 83 37.41 -2.16 30.50
CA TRP A 83 36.19 -1.37 30.54
C TRP A 83 35.50 -1.69 31.85
N GLY A 84 34.86 -0.70 32.46
CA GLY A 84 34.16 -0.93 33.71
C GLY A 84 32.73 -1.36 33.41
N LYS A 85 31.84 -1.23 34.40
CA LYS A 85 30.44 -1.61 34.25
C LYS A 85 29.65 -0.44 33.63
N GLU A 86 28.96 -0.71 32.53
CA GLU A 86 28.19 0.34 31.88
C GLU A 86 27.01 0.84 32.73
N GLU A 87 26.68 2.11 32.53
CA GLU A 87 25.56 2.75 33.21
C GLU A 87 24.70 3.30 32.07
N ARG A 88 23.39 3.03 32.10
CA ARG A 88 22.52 3.47 31.02
C ARG A 88 21.34 4.36 31.43
N LYS A 89 20.84 5.10 30.44
CA LYS A 89 19.68 5.97 30.57
C LYS A 89 18.94 5.79 29.25
N SER A 90 17.67 6.13 29.20
CA SER A 90 16.93 5.97 27.95
C SER A 90 17.37 7.01 26.93
N ASN A 91 17.31 6.63 25.66
CA ASN A 91 17.67 7.53 24.56
C ASN A 91 16.36 8.16 24.09
N PRO A 92 16.21 9.47 24.28
CA PRO A 92 15.00 10.19 23.88
C PRO A 92 14.90 10.47 22.39
N TYR A 93 16.00 10.29 21.66
CA TYR A 93 16.02 10.58 20.22
C TYR A 93 15.66 9.41 19.32
N LYS A 94 14.99 9.73 18.22
CA LYS A 94 14.62 8.72 17.22
C LYS A 94 15.58 8.95 16.05
N LYS A 95 15.82 7.92 15.26
CA LYS A 95 16.70 8.06 14.10
C LYS A 95 16.23 9.28 13.34
N GLY A 96 17.15 10.20 13.07
CA GLY A 96 16.78 11.44 12.40
C GLY A 96 16.63 12.43 13.54
N ASP A 97 16.31 13.66 13.23
CA ASP A 97 16.17 14.71 14.24
C ASP A 97 17.47 15.03 14.98
N ASP A 98 17.60 16.30 15.34
CA ASP A 98 18.79 16.83 15.98
C ASP A 98 19.06 16.38 17.41
N ILE A 99 20.34 16.36 17.78
CA ILE A 99 20.76 15.97 19.13
C ILE A 99 21.55 17.13 19.73
N ASP A 100 21.49 17.24 21.05
CA ASP A 100 22.17 18.31 21.78
C ASP A 100 22.63 17.69 23.09
N ILE A 101 23.91 17.37 23.16
CA ILE A 101 24.45 16.75 24.37
C ILE A 101 25.53 17.64 24.97
N ARG A 102 25.42 17.87 26.27
CA ARG A 102 26.36 18.74 26.99
C ARG A 102 26.91 18.07 28.23
N ILE A 103 28.23 18.14 28.37
CA ILE A 103 28.94 17.52 29.47
C ILE A 103 29.69 18.57 30.28
N ARG A 104 29.27 18.76 31.53
CA ARG A 104 29.95 19.73 32.41
C ARG A 104 30.68 18.94 33.50
N ALA A 105 31.96 19.23 33.67
CA ALA A 105 32.76 18.55 34.69
C ALA A 105 32.62 19.25 36.05
N HIS A 106 32.68 18.47 37.11
CA HIS A 106 32.62 18.99 38.47
C HIS A 106 33.72 18.27 39.22
N ASP A 107 33.93 18.56 40.50
CA ASP A 107 35.03 17.86 41.15
C ASP A 107 34.78 16.38 41.47
N SER A 108 33.53 15.98 41.64
CA SER A 108 33.22 14.59 41.96
C SER A 108 32.60 13.79 40.81
N LYS A 109 32.24 14.48 39.74
CA LYS A 109 31.64 13.82 38.58
C LYS A 109 31.38 14.73 37.40
N PHE A 110 30.76 14.15 36.37
CA PHE A 110 30.39 14.86 35.15
C PHE A 110 28.86 14.95 35.20
N SER A 111 28.30 16.06 34.76
CA SER A 111 26.86 16.17 34.70
C SER A 111 26.55 16.22 33.20
N ILE A 112 25.75 15.27 32.73
CA ILE A 112 25.41 15.20 31.31
C ILE A 112 23.97 15.58 31.06
N SER A 113 23.75 16.53 30.16
CA SER A 113 22.41 16.98 29.80
C SER A 113 22.13 16.65 28.34
N VAL A 114 20.87 16.30 28.07
CA VAL A 114 20.42 15.97 26.72
C VAL A 114 19.28 16.92 26.46
N ASP A 115 19.39 17.69 25.37
CA ASP A 115 18.38 18.68 25.04
C ASP A 115 18.22 19.64 26.21
N GLN A 116 19.35 20.02 26.81
CA GLN A 116 19.37 20.98 27.92
C GLN A 116 18.78 20.47 29.24
N LYS A 117 18.43 19.19 29.27
CA LYS A 117 17.86 18.60 30.47
C LYS A 117 18.84 17.64 31.14
N GLU A 118 19.12 17.88 32.42
CA GLU A 118 20.02 17.02 33.19
C GLU A 118 19.50 15.59 33.17
N VAL A 119 20.29 14.63 32.70
CA VAL A 119 19.83 13.24 32.68
C VAL A 119 20.81 12.26 33.32
N LYS A 120 22.04 12.68 33.54
CA LYS A 120 23.00 11.77 34.14
C LYS A 120 24.12 12.43 34.93
N GLU A 121 24.41 11.83 36.08
CA GLU A 121 25.48 12.28 36.94
C GLU A 121 26.43 11.08 37.01
N TYR A 122 27.54 11.17 36.30
CA TYR A 122 28.53 10.09 36.24
C TYR A 122 29.71 10.43 37.15
N GLU A 123 29.88 9.69 38.24
CA GLU A 123 30.98 9.94 39.17
C GLU A 123 32.32 9.57 38.55
N HIS A 124 33.34 10.38 38.79
CA HIS A 124 34.67 10.11 38.24
C HIS A 124 35.17 8.76 38.73
N ARG A 125 35.68 7.96 37.78
CA ARG A 125 36.22 6.64 38.11
C ARG A 125 37.73 6.76 38.04
N VAL A 126 38.21 7.63 37.15
CA VAL A 126 39.64 7.89 36.99
C VAL A 126 39.81 9.40 36.98
N PRO A 127 41.05 9.90 37.16
CA PRO A 127 41.30 11.34 37.18
C PRO A 127 40.69 12.16 36.05
N LEU A 128 39.97 13.22 36.43
CA LEU A 128 39.39 14.12 35.47
C LEU A 128 40.53 14.77 34.70
N SER A 129 41.67 14.92 35.37
CA SER A 129 42.83 15.55 34.77
C SER A 129 43.50 14.72 33.68
N SER A 130 43.16 13.44 33.56
CA SER A 130 43.77 12.64 32.51
C SER A 130 43.05 12.86 31.18
N VAL A 131 42.00 13.66 31.19
CA VAL A 131 41.26 13.98 29.97
C VAL A 131 42.04 15.06 29.20
N THR A 132 42.67 14.68 28.10
CA THR A 132 43.45 15.63 27.31
C THR A 132 42.88 15.86 25.92
N HIS A 133 41.95 15.00 25.52
CA HIS A 133 41.31 15.09 24.20
C HIS A 133 39.84 14.68 24.29
N PHE A 134 39.11 14.99 23.22
CA PHE A 134 37.73 14.56 23.10
C PHE A 134 37.50 14.23 21.63
N SER A 135 36.75 13.15 21.39
CA SER A 135 36.45 12.71 20.04
C SER A 135 34.98 12.43 19.88
N VAL A 136 34.51 12.56 18.64
CA VAL A 136 33.14 12.29 18.25
C VAL A 136 33.23 11.49 16.95
N ASP A 137 32.52 10.37 16.89
CA ASP A 137 32.52 9.52 15.69
C ASP A 137 31.19 8.80 15.57
N GLY A 138 30.91 8.24 14.39
CA GLY A 138 29.66 7.53 14.19
C GLY A 138 28.67 8.19 13.25
N ASP A 139 27.43 7.74 13.31
CA ASP A 139 26.36 8.24 12.44
C ASP A 139 25.78 9.57 12.88
N ILE A 140 26.59 10.62 12.78
CA ILE A 140 26.16 11.95 13.17
C ILE A 140 26.85 13.02 12.33
N LEU A 141 26.12 14.06 11.95
CA LEU A 141 26.71 15.17 11.20
C LEU A 141 26.84 16.29 12.23
N ILE A 142 28.05 16.55 12.69
CA ILE A 142 28.28 17.57 13.71
C ILE A 142 28.03 18.97 13.17
N THR A 143 27.17 19.73 13.84
CA THR A 143 26.85 21.09 13.42
C THR A 143 27.34 22.15 14.41
N TYR A 144 27.78 21.71 15.60
CA TYR A 144 28.28 22.64 16.61
C TYR A 144 29.07 21.96 17.71
N ILE A 145 30.20 22.56 18.06
CA ILE A 145 31.05 22.05 19.12
C ILE A 145 31.65 23.24 19.84
N HIS A 146 31.69 23.16 21.16
CA HIS A 146 32.28 24.21 21.96
C HIS A 146 32.67 23.71 23.34
N TRP A 147 33.86 24.10 23.77
CA TRP A 147 34.39 23.69 25.06
C TRP A 147 34.94 24.92 25.78
N GLY A 148 34.45 25.16 26.99
CA GLY A 148 34.90 26.29 27.77
C GLY A 148 33.98 26.57 28.94
N GLY A 149 33.91 27.83 29.36
CA GLY A 149 33.06 28.21 30.47
C GLY A 149 33.81 28.04 31.78
N LYS A 150 33.11 28.20 32.90
CA LYS A 150 33.71 28.04 34.21
C LYS A 150 32.60 28.26 35.23
N TYR A 151 32.97 28.29 36.51
CA TYR A 151 31.97 28.54 37.55
C TYR A 151 31.83 30.05 37.65
N TYR A 152 30.73 30.56 37.13
CA TYR A 152 30.46 32.00 37.14
C TYR A 152 29.68 32.37 38.38
N PRO A 153 30.28 33.18 39.26
CA PRO A 153 29.53 33.54 40.46
C PRO A 153 28.39 34.49 40.09
N VAL A 154 27.24 34.34 40.76
CA VAL A 154 26.10 35.21 40.52
C VAL A 154 25.59 35.73 41.87
N PRO A 155 25.34 37.05 41.98
CA PRO A 155 25.48 38.12 40.98
C PRO A 155 26.84 38.12 40.29
N TYR A 156 26.83 38.39 38.99
CA TYR A 156 28.04 38.43 38.18
C TYR A 156 28.25 39.84 37.69
N GLU A 157 29.49 40.19 37.39
CA GLU A 157 29.79 41.53 36.94
C GLU A 157 31.13 41.59 36.22
N SER A 158 31.15 42.15 35.00
CA SER A 158 32.41 42.26 34.25
C SER A 158 32.31 43.18 33.05
N GLY A 159 33.46 43.58 32.53
CA GLY A 159 33.49 44.44 31.36
C GLY A 159 33.48 43.58 30.11
N LEU A 160 33.18 44.18 28.97
CA LEU A 160 33.15 43.43 27.72
C LEU A 160 34.25 43.89 26.76
N ALA A 161 35.01 42.92 26.26
CA ALA A 161 36.10 43.14 25.31
C ALA A 161 36.65 44.57 25.26
N GLY A 162 36.86 45.06 24.04
CA GLY A 162 37.38 46.41 23.86
C GLY A 162 36.26 47.27 23.30
N ASP A 163 35.59 46.75 22.27
CA ASP A 163 34.49 47.45 21.64
C ASP A 163 33.21 46.94 22.29
N GLY A 164 33.35 45.85 23.04
CA GLY A 164 32.20 45.25 23.72
C GLY A 164 31.12 44.88 22.73
N LEU A 165 29.87 45.10 23.11
CA LEU A 165 28.76 44.80 22.23
C LEU A 165 28.50 45.97 21.31
N ALA A 166 28.69 45.75 20.02
CA ALA A 166 28.46 46.79 19.02
C ALA A 166 27.62 46.14 17.93
N PRO A 167 26.98 46.96 17.07
CA PRO A 167 26.16 46.35 16.03
C PRO A 167 27.00 45.35 15.25
N GLY A 168 26.38 44.25 14.82
CA GLY A 168 27.12 43.24 14.08
C GLY A 168 27.70 42.17 14.99
N LYS A 169 27.65 42.42 16.30
CA LYS A 169 28.16 41.46 17.26
C LYS A 169 27.04 40.89 18.12
N SER A 170 27.36 39.82 18.85
CA SER A 170 26.35 39.21 19.71
C SER A 170 26.96 38.64 20.96
N LEU A 171 26.23 38.72 22.06
CA LEU A 171 26.66 38.20 23.34
C LEU A 171 25.92 36.90 23.57
N LEU A 172 26.66 35.80 23.66
CA LEU A 172 26.09 34.48 23.86
C LEU A 172 26.24 34.05 25.32
N ILE A 173 25.13 33.71 25.95
CA ILE A 173 25.14 33.30 27.34
C ILE A 173 24.42 31.96 27.56
N PHE A 174 25.10 31.02 28.22
CA PHE A 174 24.53 29.71 28.51
C PHE A 174 24.19 29.74 29.99
N ALA A 175 22.93 29.48 30.33
CA ALA A 175 22.51 29.50 31.72
C ALA A 175 21.32 28.57 31.96
N THR A 176 21.04 28.32 33.24
CA THR A 176 19.94 27.46 33.64
C THR A 176 19.20 28.15 34.77
N PRO A 177 17.94 28.54 34.56
CA PRO A 177 17.19 29.19 35.63
C PRO A 177 17.10 28.19 36.78
N GLU A 178 17.28 28.67 38.01
CA GLU A 178 17.22 27.79 39.17
C GLU A 178 15.87 27.11 39.38
N LYS A 179 15.91 25.86 39.84
CA LYS A 179 14.71 25.08 40.07
C LYS A 179 13.65 25.81 40.88
N LYS A 180 14.06 26.44 41.97
CA LYS A 180 13.11 27.17 42.81
C LYS A 180 13.26 28.68 42.67
N GLY A 181 13.79 29.12 41.53
CA GLY A 181 13.98 30.54 41.32
C GLY A 181 12.71 31.23 40.85
N LYS A 182 12.60 32.52 41.15
CA LYS A 182 11.45 33.30 40.74
C LYS A 182 11.78 34.10 39.49
N ARG A 183 12.95 34.72 39.50
CA ARG A 183 13.36 35.53 38.36
C ARG A 183 14.85 35.85 38.40
N PHE A 184 15.37 36.26 37.24
CA PHE A 184 16.76 36.64 37.12
C PHE A 184 16.80 37.67 36.01
N HIS A 185 17.93 38.35 35.86
CA HIS A 185 18.04 39.37 34.84
C HIS A 185 19.46 39.44 34.31
N ILE A 186 19.59 40.09 33.16
CA ILE A 186 20.87 40.31 32.52
C ILE A 186 20.87 41.76 32.04
N ASN A 187 21.88 42.52 32.42
CA ASN A 187 21.95 43.91 32.00
C ASN A 187 23.14 44.15 31.09
N LEU A 188 22.88 44.82 29.97
CA LEU A 188 23.93 45.20 29.03
C LEU A 188 24.08 46.69 29.32
N LEU A 189 25.25 47.08 29.84
CA LEU A 189 25.45 48.46 30.23
C LEU A 189 26.47 49.27 29.45
N LYS A 190 26.30 50.59 29.53
CA LYS A 190 27.20 51.52 28.88
C LYS A 190 28.17 52.04 29.93
N LYS A 191 29.21 52.74 29.48
CA LYS A 191 30.24 53.26 30.36
C LYS A 191 29.74 54.08 31.56
N ASN A 192 28.78 54.95 31.32
CA ASN A 192 28.26 55.80 32.40
C ASN A 192 27.32 55.07 33.34
N GLY A 193 27.13 53.77 33.11
CA GLY A 193 26.25 53.01 33.98
C GLY A 193 24.82 52.84 33.51
N ASP A 194 24.44 53.47 32.40
CA ASP A 194 23.08 53.30 31.92
C ASP A 194 22.94 51.86 31.41
N ILE A 195 21.75 51.30 31.56
CA ILE A 195 21.52 49.94 31.08
C ILE A 195 20.85 50.05 29.71
N ALA A 196 21.60 49.70 28.67
CA ALA A 196 21.06 49.74 27.32
C ALA A 196 19.90 48.75 27.27
N LEU A 197 20.13 47.55 27.79
CA LEU A 197 19.10 46.53 27.83
C LEU A 197 19.05 45.74 29.13
N HIS A 198 17.84 45.63 29.67
CA HIS A 198 17.55 44.89 30.89
C HIS A 198 16.67 43.74 30.41
N PHE A 199 17.17 42.51 30.49
CA PHE A 199 16.46 41.29 30.08
C PHE A 199 16.12 40.59 31.40
N ASN A 200 14.83 40.59 31.76
CA ASN A 200 14.39 40.07 33.04
C ASN A 200 13.25 39.03 33.07
N PRO A 201 13.58 37.74 32.89
CA PRO A 201 12.58 36.67 32.90
C PRO A 201 11.94 36.55 34.30
N ARG A 202 10.62 36.63 34.36
CA ARG A 202 9.90 36.55 35.63
C ARG A 202 8.90 35.40 35.60
N PHE A 203 9.27 34.28 36.20
CA PHE A 203 8.39 33.10 36.23
C PHE A 203 7.14 33.34 37.07
N ASP A 204 7.25 34.20 38.07
CA ASP A 204 6.13 34.53 38.93
C ASP A 204 5.12 35.40 38.19
N GLU A 205 5.45 35.79 36.97
CA GLU A 205 4.58 36.62 36.17
C GLU A 205 4.44 36.07 34.76
N LYS A 206 5.06 34.92 34.51
CA LYS A 206 5.02 34.27 33.21
C LYS A 206 5.26 35.26 32.08
N ALA A 207 6.40 35.97 32.15
CA ALA A 207 6.74 36.95 31.13
C ALA A 207 8.18 37.41 31.27
N ILE A 208 8.76 37.85 30.16
CA ILE A 208 10.14 38.35 30.17
C ILE A 208 10.08 39.87 30.00
N VAL A 209 10.47 40.59 31.04
CA VAL A 209 10.46 42.04 31.01
C VAL A 209 11.75 42.62 30.41
N ARG A 210 11.58 43.54 29.44
CA ARG A 210 12.73 44.21 28.83
C ARG A 210 12.54 45.71 29.10
N ASN A 211 13.64 46.37 29.46
CA ASN A 211 13.58 47.80 29.73
C ASN A 211 15.00 48.36 29.64
N SER A 212 15.10 49.68 29.79
CA SER A 212 16.38 50.36 29.77
C SER A 212 16.41 51.26 31.01
N LEU A 213 17.59 51.49 31.55
CA LEU A 213 17.74 52.36 32.72
C LEU A 213 18.57 53.54 32.26
N ILE A 214 17.95 54.71 32.20
CA ILE A 214 18.64 55.90 31.73
C ILE A 214 18.61 56.99 32.80
N SER A 215 19.81 57.43 33.22
CA SER A 215 19.93 58.45 34.24
C SER A 215 19.14 58.05 35.48
N GLY A 216 19.36 56.82 35.94
CA GLY A 216 18.66 56.33 37.12
C GLY A 216 17.17 56.18 36.98
N GLU A 217 16.65 56.27 35.75
CA GLU A 217 15.21 56.14 35.54
C GLU A 217 14.84 54.95 34.65
N TRP A 218 13.88 54.15 35.09
CA TRP A 218 13.41 53.00 34.31
C TRP A 218 12.44 53.47 33.22
N GLY A 219 12.63 52.95 32.01
CA GLY A 219 11.77 53.33 30.90
C GLY A 219 10.42 52.62 30.81
N ASN A 220 9.81 52.70 29.64
CA ASN A 220 8.51 52.10 29.36
C ASN A 220 8.36 50.67 29.85
N GLU A 221 9.13 49.75 29.28
CA GLU A 221 9.09 48.33 29.65
C GLU A 221 8.26 47.47 28.71
N GLU A 222 8.94 46.57 28.02
CA GLU A 222 8.31 45.68 27.06
C GLU A 222 8.26 44.23 27.55
N ARG A 223 7.05 43.67 27.55
CA ARG A 223 6.81 42.30 27.98
C ARG A 223 6.10 41.60 26.83
N GLU A 224 5.36 40.54 27.15
CA GLU A 224 4.62 39.82 26.13
C GLU A 224 5.50 39.09 25.11
N GLY A 225 5.13 37.85 24.82
CA GLY A 225 5.86 37.03 23.88
C GLY A 225 5.93 35.58 24.32
N LYS A 226 5.32 35.29 25.48
CA LYS A 226 5.30 33.93 26.02
C LYS A 226 6.71 33.51 26.42
N ASN A 227 6.91 33.32 27.72
CA ASN A 227 8.21 32.91 28.24
C ASN A 227 8.60 31.53 27.73
N PRO A 228 9.70 31.44 26.99
CA PRO A 228 10.16 30.16 26.45
C PRO A 228 11.07 29.39 27.41
N LEU A 229 11.44 30.04 28.51
CA LEU A 229 12.34 29.42 29.49
C LEU A 229 11.61 28.52 30.48
N GLU A 230 12.37 27.64 31.14
CA GLU A 230 11.78 26.72 32.14
C GLU A 230 12.76 26.51 33.30
N LYS A 231 12.24 26.57 34.51
CA LYS A 231 13.08 26.38 35.70
C LYS A 231 13.81 25.05 35.62
N GLY A 232 15.12 25.08 35.81
CA GLY A 232 15.91 23.86 35.79
C GLY A 232 16.29 23.34 34.41
N ILE A 233 15.85 24.01 33.36
CA ILE A 233 16.20 23.57 32.01
C ILE A 233 17.19 24.57 31.41
N GLY A 234 18.31 24.08 30.88
CA GLY A 234 19.30 24.96 30.29
C GLY A 234 18.75 25.77 29.12
N CYS A 235 19.37 26.92 28.84
CA CYS A 235 18.93 27.75 27.73
C CYS A 235 20.12 28.45 27.09
N ASP A 236 19.99 28.77 25.81
CA ASP A 236 21.03 29.48 25.07
C ASP A 236 20.48 30.86 24.74
N LEU A 237 21.02 31.87 25.41
CA LEU A 237 20.57 33.23 25.20
C LEU A 237 21.54 33.95 24.27
N GLU A 238 21.00 34.59 23.23
CA GLU A 238 21.82 35.34 22.30
C GLU A 238 21.25 36.73 22.14
N PHE A 239 22.09 37.72 22.42
CA PHE A 239 21.69 39.10 22.28
C PHE A 239 22.37 39.63 21.03
N ARG A 240 21.64 39.64 19.91
CA ARG A 240 22.21 40.14 18.66
C ARG A 240 22.02 41.63 18.52
N ASN A 241 23.11 42.36 18.62
CA ASN A 241 23.06 43.81 18.50
C ASN A 241 23.01 44.17 17.02
N GLU A 242 21.92 44.78 16.58
CA GLU A 242 21.78 45.20 15.19
C GLU A 242 21.68 46.72 15.07
N GLU A 243 21.63 47.23 13.86
CA GLU A 243 21.58 48.68 13.63
C GLU A 243 20.42 49.40 14.31
N TYR A 244 19.22 48.82 14.24
CA TYR A 244 18.05 49.47 14.82
C TYR A 244 17.53 48.84 16.10
N ALA A 245 17.98 47.64 16.39
CA ALA A 245 17.50 46.98 17.61
C ALA A 245 18.31 45.75 17.99
N PHE A 246 18.02 45.26 19.20
CA PHE A 246 18.64 44.05 19.71
C PHE A 246 17.71 42.95 19.26
N GLN A 247 18.26 41.89 18.69
CA GLN A 247 17.45 40.75 18.29
C GLN A 247 17.74 39.72 19.39
N ILE A 248 16.73 39.44 20.22
CA ILE A 248 16.91 38.51 21.31
C ILE A 248 16.55 37.08 20.96
N TYR A 249 17.56 36.22 20.88
CA TYR A 249 17.32 34.83 20.55
C TYR A 249 17.39 33.92 21.77
N VAL A 250 16.35 33.11 21.93
CA VAL A 250 16.29 32.15 23.02
C VAL A 250 16.22 30.77 22.36
N ASP A 251 17.20 29.94 22.67
CA ASP A 251 17.28 28.59 22.13
C ASP A 251 17.14 28.51 20.61
N GLY A 252 17.85 29.39 19.91
CA GLY A 252 17.82 29.39 18.45
C GLY A 252 16.64 30.09 17.78
N GLU A 253 15.61 30.45 18.55
CA GLU A 253 14.45 31.11 17.97
C GLU A 253 14.36 32.55 18.48
N ARG A 254 14.01 33.47 17.58
CA ARG A 254 13.90 34.87 17.97
C ARG A 254 12.72 35.04 18.92
N PHE A 255 13.02 35.51 20.13
CA PHE A 255 11.99 35.72 21.13
C PHE A 255 11.44 37.14 21.03
N ALA A 256 12.34 38.10 20.81
CA ALA A 256 11.89 39.47 20.72
C ALA A 256 12.89 40.37 20.01
N THR A 257 12.44 41.59 19.72
CA THR A 257 13.28 42.60 19.12
C THR A 257 13.14 43.75 20.11
N TYR A 258 14.21 44.49 20.34
CA TYR A 258 14.17 45.60 21.27
C TYR A 258 14.83 46.80 20.63
N ALA A 259 14.01 47.77 20.22
CA ALA A 259 14.53 48.96 19.57
C ALA A 259 15.46 49.71 20.52
N HIS A 260 16.63 50.10 20.02
CA HIS A 260 17.60 50.83 20.82
C HIS A 260 17.03 52.12 21.39
N ARG A 261 17.28 52.36 22.68
CA ARG A 261 16.82 53.56 23.36
C ARG A 261 18.05 54.41 23.66
N LEU A 262 19.20 53.75 23.67
CA LEU A 262 20.47 54.42 23.89
C LEU A 262 21.26 54.03 22.67
N ASP A 263 22.05 54.97 22.17
CA ASP A 263 22.87 54.67 21.01
C ASP A 263 23.60 53.36 21.26
N PRO A 264 23.59 52.44 20.29
CA PRO A 264 24.32 51.20 20.59
C PRO A 264 25.80 51.61 20.68
N HIS A 265 26.73 50.74 20.32
CA HIS A 265 28.14 51.13 20.43
C HIS A 265 28.54 51.44 21.87
N ASP A 266 29.77 51.06 22.22
CA ASP A 266 30.31 51.31 23.55
C ASP A 266 29.60 50.57 24.68
N ILE A 267 28.84 49.53 24.35
CA ILE A 267 28.16 48.75 25.37
C ILE A 267 29.24 47.82 25.93
N ASN A 268 29.92 48.30 26.97
CA ASN A 268 31.04 47.57 27.57
C ASN A 268 30.85 46.93 28.93
N GLY A 269 29.62 46.83 29.41
CA GLY A 269 29.42 46.22 30.72
C GLY A 269 28.39 45.12 30.73
N LEU A 270 28.58 44.15 31.62
CA LEU A 270 27.64 43.05 31.74
C LEU A 270 27.38 42.76 33.20
N GLN A 271 26.11 42.52 33.54
CA GLN A 271 25.71 42.16 34.89
C GLN A 271 24.64 41.09 34.79
N ILE A 272 24.72 40.10 35.68
CA ILE A 272 23.74 39.01 35.72
C ILE A 272 23.42 38.80 37.20
N GLY A 273 22.13 38.78 37.53
CA GLY A 273 21.74 38.57 38.91
C GLY A 273 20.46 37.77 39.01
N GLY A 274 19.97 37.55 40.22
CA GLY A 274 18.74 36.79 40.39
C GLY A 274 18.96 35.29 40.45
N ASP A 275 17.87 34.55 40.44
CA ASP A 275 17.91 33.10 40.56
C ASP A 275 18.29 32.36 39.28
N VAL A 276 19.58 32.36 38.98
CA VAL A 276 20.07 31.71 37.77
C VAL A 276 21.51 31.23 37.89
N GLU A 277 21.82 30.15 37.20
CA GLU A 277 23.17 29.58 37.17
C GLU A 277 23.74 29.84 35.77
N VAL A 278 24.92 30.45 35.71
CA VAL A 278 25.56 30.77 34.45
C VAL A 278 26.70 29.81 34.23
N THR A 279 26.74 29.18 33.06
CA THR A 279 27.78 28.20 32.76
C THR A 279 28.64 28.55 31.55
N GLY A 280 28.31 29.65 30.88
CA GLY A 280 29.09 30.05 29.72
C GLY A 280 28.74 31.44 29.22
N ILE A 281 29.77 32.23 28.92
CA ILE A 281 29.58 33.59 28.43
C ILE A 281 30.59 33.81 27.32
N GLN A 282 30.13 34.26 26.16
CA GLN A 282 31.07 34.51 25.07
C GLN A 282 30.57 35.53 24.06
N MET A 283 31.51 36.29 23.52
CA MET A 283 31.23 37.32 22.53
C MET A 283 31.49 36.73 21.14
N VAL A 284 30.49 36.77 20.27
CA VAL A 284 30.63 36.22 18.92
C VAL A 284 30.35 37.25 17.82
N MET B 7 -22.41 -9.27 -9.95
CA MET B 7 -21.91 -8.56 -8.73
C MET B 7 -20.66 -9.24 -8.16
N ALA B 8 -20.03 -10.10 -8.97
CA ALA B 8 -18.82 -10.80 -8.55
C ALA B 8 -17.63 -10.22 -9.30
N THR B 9 -16.47 -10.89 -9.20
CA THR B 9 -15.27 -10.41 -9.87
C THR B 9 -15.61 -10.09 -11.33
N GLU B 10 -15.35 -8.85 -11.73
CA GLU B 10 -15.63 -8.40 -13.09
C GLU B 10 -15.20 -9.39 -14.15
N THR B 11 -13.88 -9.57 -14.31
CA THR B 11 -13.34 -10.49 -15.30
C THR B 11 -14.05 -10.23 -16.63
N ASN B 12 -14.71 -11.26 -17.16
CA ASN B 12 -15.46 -11.13 -18.40
C ASN B 12 -16.92 -11.37 -18.08
N TYR B 13 -17.78 -11.21 -19.08
CA TYR B 13 -19.22 -11.40 -18.89
C TYR B 13 -19.83 -10.46 -17.83
N PRO B 14 -19.24 -9.26 -17.63
CA PRO B 14 -19.82 -8.37 -16.63
C PRO B 14 -21.02 -7.63 -17.20
N VAL B 15 -22.09 -7.51 -16.44
CA VAL B 15 -23.29 -6.81 -16.91
C VAL B 15 -23.20 -5.31 -16.62
N PRO B 16 -23.78 -4.48 -17.50
CA PRO B 16 -24.51 -4.84 -18.73
C PRO B 16 -23.59 -5.48 -19.77
N TYR B 17 -24.02 -6.58 -20.37
CA TYR B 17 -23.22 -7.28 -21.38
C TYR B 17 -23.84 -7.12 -22.77
N ARG B 18 -23.11 -6.50 -23.69
CA ARG B 18 -23.58 -6.32 -25.05
C ARG B 18 -22.59 -6.97 -26.00
N SER B 19 -23.10 -7.73 -26.95
CA SER B 19 -22.24 -8.38 -27.93
C SER B 19 -22.85 -8.25 -29.32
N LYS B 20 -21.99 -8.02 -30.31
CA LYS B 20 -22.44 -7.88 -31.70
C LYS B 20 -22.20 -9.15 -32.49
N LEU B 21 -23.23 -9.62 -33.20
CA LEU B 21 -23.10 -10.83 -34.00
C LEU B 21 -22.24 -10.50 -35.23
N THR B 22 -21.57 -11.51 -35.79
CA THR B 22 -20.74 -11.28 -36.97
C THR B 22 -21.64 -11.23 -38.21
N GLU B 23 -22.85 -11.75 -38.04
CA GLU B 23 -23.86 -11.75 -39.10
C GLU B 23 -25.20 -11.93 -38.42
N PRO B 24 -26.28 -11.42 -39.03
CA PRO B 24 -27.61 -11.56 -38.43
C PRO B 24 -27.98 -12.97 -38.00
N PHE B 25 -28.74 -13.05 -36.92
CA PHE B 25 -29.20 -14.32 -36.35
C PHE B 25 -30.00 -15.04 -37.43
N GLU B 26 -29.66 -16.31 -37.68
CA GLU B 26 -30.37 -17.09 -38.71
C GLU B 26 -31.05 -18.36 -38.20
N PRO B 27 -32.01 -18.88 -38.97
CA PRO B 27 -32.71 -20.11 -38.57
C PRO B 27 -31.65 -21.19 -38.39
N GLY B 28 -31.76 -21.97 -37.32
CA GLY B 28 -30.79 -23.03 -37.08
C GLY B 28 -29.72 -22.69 -36.06
N GLN B 29 -29.57 -21.41 -35.74
CA GLN B 29 -28.55 -20.97 -34.78
C GLN B 29 -29.09 -20.84 -33.36
N THR B 30 -28.23 -21.11 -32.38
CA THR B 30 -28.59 -21.05 -30.96
C THR B 30 -27.73 -20.06 -30.16
N LEU B 31 -28.37 -19.34 -29.25
CA LEU B 31 -27.67 -18.41 -28.36
C LEU B 31 -27.74 -19.06 -26.99
N ILE B 32 -26.59 -19.23 -26.34
CA ILE B 32 -26.53 -19.87 -25.03
C ILE B 32 -26.04 -18.88 -23.97
N ILE B 33 -26.79 -18.77 -22.89
CA ILE B 33 -26.44 -17.89 -21.78
C ILE B 33 -26.53 -18.65 -20.48
N LYS B 34 -25.44 -18.67 -19.73
CA LYS B 34 -25.41 -19.35 -18.44
C LYS B 34 -24.88 -18.38 -17.39
N GLY B 35 -25.39 -18.49 -16.17
CA GLY B 35 -24.94 -17.59 -15.13
C GLY B 35 -25.28 -18.00 -13.71
N LYS B 36 -24.97 -17.11 -12.78
CA LYS B 36 -25.23 -17.33 -11.37
C LYS B 36 -26.06 -16.18 -10.82
N THR B 37 -27.02 -16.50 -9.94
CA THR B 37 -27.84 -15.47 -9.32
C THR B 37 -27.56 -15.47 -7.82
N ALA B 38 -27.78 -14.32 -7.19
CA ALA B 38 -27.56 -14.20 -5.76
C ALA B 38 -28.90 -14.38 -5.04
N GLU B 39 -28.85 -14.54 -3.71
CA GLU B 39 -30.08 -14.72 -2.95
C GLU B 39 -30.87 -13.41 -2.87
N ASP B 40 -30.28 -12.33 -3.40
CA ASP B 40 -30.93 -11.03 -3.40
C ASP B 40 -31.32 -10.60 -4.81
N SER B 41 -31.21 -11.50 -5.78
CA SER B 41 -31.55 -11.17 -7.16
C SER B 41 -33.04 -10.94 -7.35
N VAL B 42 -33.37 -9.87 -8.07
CA VAL B 42 -34.76 -9.53 -8.35
C VAL B 42 -35.15 -10.05 -9.74
N ARG B 43 -34.31 -9.74 -10.72
CA ARG B 43 -34.58 -10.19 -12.08
C ARG B 43 -33.43 -9.85 -13.02
N PHE B 44 -33.34 -10.57 -14.14
CA PHE B 44 -32.33 -10.30 -15.15
C PHE B 44 -33.02 -10.39 -16.51
N THR B 45 -32.41 -9.79 -17.52
CA THR B 45 -33.01 -9.78 -18.86
C THR B 45 -32.07 -10.20 -19.98
N ILE B 46 -32.65 -10.69 -21.05
CA ILE B 46 -31.91 -11.09 -22.25
C ILE B 46 -32.64 -10.46 -23.43
N ASN B 47 -31.91 -9.65 -24.19
CA ASN B 47 -32.48 -8.98 -25.36
C ASN B 47 -31.74 -9.28 -26.67
N LEU B 48 -32.51 -9.61 -27.71
CA LEU B 48 -31.95 -9.85 -29.04
C LEU B 48 -32.48 -8.59 -29.70
N HIS B 49 -31.58 -7.77 -30.23
CA HIS B 49 -32.00 -6.50 -30.81
C HIS B 49 -31.05 -5.92 -31.85
N ASN B 50 -31.34 -4.69 -32.27
CA ASN B 50 -30.48 -4.00 -33.22
C ASN B 50 -30.08 -2.66 -32.61
N THR B 51 -29.46 -1.80 -33.39
CA THR B 51 -29.02 -0.50 -32.90
C THR B 51 -28.38 0.32 -34.01
N SER B 52 -28.41 1.64 -33.86
CA SER B 52 -27.81 2.52 -34.85
C SER B 52 -26.36 2.12 -35.09
N ALA B 53 -25.71 1.69 -34.00
CA ALA B 53 -24.31 1.26 -33.98
C ALA B 53 -23.84 1.39 -32.54
N ASP B 54 -24.11 2.56 -31.97
CA ASP B 54 -23.76 2.88 -30.59
C ASP B 54 -24.91 3.65 -29.96
N PHE B 55 -25.71 4.30 -30.80
CA PHE B 55 -26.87 5.08 -30.34
C PHE B 55 -27.79 4.18 -29.51
N SER B 56 -27.63 2.87 -29.70
CA SER B 56 -28.41 1.88 -28.96
C SER B 56 -29.92 2.06 -29.11
N GLY B 57 -30.68 1.13 -28.55
CA GLY B 57 -32.13 1.20 -28.62
C GLY B 57 -32.75 0.44 -29.78
N ASN B 58 -33.55 1.14 -30.56
CA ASN B 58 -34.22 0.54 -31.71
C ASN B 58 -35.06 -0.66 -31.30
N ASP B 59 -35.28 -1.57 -32.25
CA ASP B 59 -36.10 -2.76 -32.02
C ASP B 59 -35.49 -3.88 -31.19
N VAL B 60 -36.37 -4.66 -30.57
CA VAL B 60 -36.00 -5.81 -29.77
C VAL B 60 -36.95 -6.94 -30.18
N PRO B 61 -36.58 -7.70 -31.22
CA PRO B 61 -37.41 -8.81 -31.71
C PRO B 61 -37.82 -9.77 -30.60
N LEU B 62 -36.88 -10.06 -29.69
CA LEU B 62 -37.18 -10.94 -28.58
C LEU B 62 -36.57 -10.45 -27.27
N HIS B 63 -37.43 -10.19 -26.30
CA HIS B 63 -37.02 -9.76 -24.97
C HIS B 63 -37.42 -10.86 -23.99
N ILE B 64 -36.52 -11.18 -23.07
CA ILE B 64 -36.79 -12.19 -22.06
C ILE B 64 -36.48 -11.63 -20.67
N SER B 65 -37.50 -11.51 -19.84
CA SER B 65 -37.29 -11.01 -18.48
C SER B 65 -37.55 -12.10 -17.45
N VAL B 66 -36.47 -12.57 -16.82
CA VAL B 66 -36.59 -13.61 -15.80
C VAL B 66 -36.79 -12.87 -14.48
N ARG B 67 -37.99 -12.99 -13.92
CA ARG B 67 -38.36 -12.28 -12.71
C ARG B 67 -38.51 -13.15 -11.47
N PHE B 68 -37.64 -12.91 -10.50
CA PHE B 68 -37.67 -13.67 -9.26
C PHE B 68 -38.72 -13.07 -8.34
N ASP B 69 -38.96 -11.76 -8.47
CA ASP B 69 -39.96 -11.11 -7.64
C ASP B 69 -41.34 -11.62 -8.03
N GLU B 70 -41.61 -11.66 -9.34
CA GLU B 70 -42.90 -12.13 -9.84
C GLU B 70 -42.98 -13.65 -9.97
N GLY B 71 -41.83 -14.31 -10.02
CA GLY B 71 -41.82 -15.76 -10.15
C GLY B 71 -42.24 -16.21 -11.54
N LYS B 72 -42.04 -15.34 -12.52
CA LYS B 72 -42.40 -15.64 -13.91
C LYS B 72 -41.29 -15.23 -14.87
N ILE B 73 -41.40 -15.70 -16.11
CA ILE B 73 -40.46 -15.35 -17.16
C ILE B 73 -41.35 -14.67 -18.20
N VAL B 74 -41.02 -13.43 -18.56
CA VAL B 74 -41.80 -12.66 -19.52
C VAL B 74 -41.12 -12.54 -20.88
N PHE B 75 -41.88 -12.83 -21.94
CA PHE B 75 -41.38 -12.72 -23.31
C PHE B 75 -42.15 -11.60 -23.99
N ASN B 76 -41.47 -10.77 -24.77
CA ASN B 76 -42.15 -9.68 -25.45
C ASN B 76 -41.28 -9.13 -26.56
N THR B 77 -41.86 -8.21 -27.33
CA THR B 77 -41.19 -7.58 -28.44
C THR B 77 -41.35 -6.06 -28.40
N PHE B 78 -40.26 -5.34 -28.66
CA PHE B 78 -40.31 -3.89 -28.68
C PHE B 78 -40.05 -3.40 -30.10
N SER B 79 -41.02 -2.68 -30.65
CA SER B 79 -40.92 -2.13 -31.99
C SER B 79 -41.85 -0.93 -32.13
N LYS B 80 -41.50 0.00 -33.00
CA LYS B 80 -42.31 1.20 -33.22
C LYS B 80 -42.38 1.98 -31.90
N GLY B 81 -41.31 1.91 -31.12
CA GLY B 81 -41.27 2.60 -29.84
C GLY B 81 -42.27 2.07 -28.83
N GLU B 82 -42.70 0.83 -28.98
CA GLU B 82 -43.68 0.26 -28.06
C GLU B 82 -43.55 -1.23 -27.78
N TRP B 83 -43.79 -1.59 -26.52
CA TRP B 83 -43.77 -2.98 -26.09
C TRP B 83 -45.07 -3.60 -26.57
N GLY B 84 -45.04 -4.86 -26.97
CA GLY B 84 -46.25 -5.51 -27.42
C GLY B 84 -46.90 -6.20 -26.24
N LYS B 85 -47.79 -7.14 -26.51
CA LYS B 85 -48.46 -7.88 -25.45
C LYS B 85 -47.54 -8.97 -24.92
N GLU B 86 -47.37 -9.00 -23.60
CA GLU B 86 -46.51 -9.97 -22.95
C GLU B 86 -47.02 -11.40 -22.99
N GLU B 87 -46.08 -12.34 -23.08
CA GLU B 87 -46.38 -13.76 -23.06
C GLU B 87 -45.56 -14.25 -21.89
N ARG B 88 -46.16 -15.03 -21.00
CA ARG B 88 -45.49 -15.51 -19.80
C ARG B 88 -45.47 -17.00 -19.53
N LYS B 89 -44.51 -17.42 -18.72
CA LYS B 89 -44.34 -18.80 -18.29
C LYS B 89 -43.83 -18.74 -16.86
N SER B 90 -44.00 -19.83 -16.12
CA SER B 90 -43.53 -19.86 -14.74
C SER B 90 -42.01 -19.88 -14.74
N ASN B 91 -41.42 -19.32 -13.70
CA ASN B 91 -39.98 -19.29 -13.53
C ASN B 91 -39.58 -20.50 -12.70
N PRO B 92 -38.86 -21.46 -13.29
CA PRO B 92 -38.44 -22.64 -12.54
C PRO B 92 -37.27 -22.35 -11.61
N TYR B 93 -36.66 -21.19 -11.81
CA TYR B 93 -35.51 -20.76 -11.00
C TYR B 93 -35.94 -19.97 -9.77
N LYS B 94 -35.15 -20.09 -8.71
CA LYS B 94 -35.40 -19.38 -7.47
C LYS B 94 -34.10 -18.64 -7.14
N LYS B 95 -34.19 -17.57 -6.35
CA LYS B 95 -33.03 -16.78 -5.96
C LYS B 95 -31.90 -17.75 -5.63
N GLY B 96 -30.71 -17.49 -6.17
CA GLY B 96 -29.60 -18.39 -5.94
C GLY B 96 -29.63 -19.40 -7.09
N ASP B 97 -28.88 -20.48 -6.99
CA ASP B 97 -28.81 -21.50 -8.03
C ASP B 97 -28.53 -20.96 -9.44
N ASP B 98 -27.86 -21.78 -10.25
CA ASP B 98 -27.47 -21.40 -11.59
C ASP B 98 -28.55 -21.40 -12.66
N ILE B 99 -28.37 -20.57 -13.67
CA ILE B 99 -29.33 -20.49 -14.76
C ILE B 99 -28.69 -20.88 -16.09
N ASP B 100 -29.47 -21.60 -16.90
CA ASP B 100 -29.02 -22.05 -18.21
C ASP B 100 -30.16 -21.80 -19.20
N ILE B 101 -30.06 -20.74 -19.98
CA ILE B 101 -31.11 -20.40 -20.93
C ILE B 101 -30.58 -20.40 -22.36
N ARG B 102 -31.27 -21.13 -23.24
CA ARG B 102 -30.85 -21.23 -24.62
C ARG B 102 -31.96 -20.89 -25.60
N ILE B 103 -31.65 -20.03 -26.55
CA ILE B 103 -32.59 -19.57 -27.57
C ILE B 103 -32.19 -20.03 -28.98
N ARG B 104 -32.99 -20.88 -29.59
CA ARG B 104 -32.70 -21.34 -30.96
C ARG B 104 -33.69 -20.70 -31.94
N ALA B 105 -33.17 -20.11 -33.01
CA ALA B 105 -34.00 -19.48 -34.02
C ALA B 105 -34.45 -20.45 -35.10
N HIS B 106 -35.69 -20.29 -35.57
CA HIS B 106 -36.25 -21.10 -36.66
C HIS B 106 -36.92 -20.10 -37.60
N ASP B 107 -37.44 -20.55 -38.74
CA ASP B 107 -38.02 -19.60 -39.68
C ASP B 107 -39.36 -18.96 -39.29
N SER B 108 -40.03 -19.49 -38.27
CA SER B 108 -41.31 -18.90 -37.86
C SER B 108 -41.40 -18.63 -36.36
N LYS B 109 -40.34 -18.93 -35.63
CA LYS B 109 -40.34 -18.75 -34.18
C LYS B 109 -38.96 -18.95 -33.55
N PHE B 110 -38.90 -18.66 -32.26
CA PHE B 110 -37.71 -18.87 -31.45
C PHE B 110 -38.14 -19.99 -30.50
N SER B 111 -37.23 -20.92 -30.21
CA SER B 111 -37.50 -21.99 -29.24
C SER B 111 -36.57 -21.70 -28.07
N ILE B 112 -37.15 -21.46 -26.89
CA ILE B 112 -36.35 -21.15 -25.72
C ILE B 112 -36.36 -22.30 -24.73
N SER B 113 -35.18 -22.69 -24.28
CA SER B 113 -35.03 -23.77 -23.31
C SER B 113 -34.43 -23.26 -22.02
N VAL B 114 -34.80 -23.92 -20.93
CA VAL B 114 -34.29 -23.58 -19.60
C VAL B 114 -33.75 -24.89 -19.07
N ASP B 115 -32.49 -24.90 -18.69
CA ASP B 115 -31.84 -26.11 -18.21
C ASP B 115 -32.03 -27.23 -19.24
N GLN B 116 -31.83 -26.89 -20.52
CA GLN B 116 -31.93 -27.85 -21.62
C GLN B 116 -33.32 -28.44 -21.83
N LYS B 117 -34.32 -27.81 -21.23
CA LYS B 117 -35.69 -28.26 -21.38
C LYS B 117 -36.51 -27.16 -22.04
N GLU B 118 -37.19 -27.51 -23.13
CA GLU B 118 -38.01 -26.56 -23.89
C GLU B 118 -39.15 -26.03 -23.02
N VAL B 119 -39.23 -24.70 -22.87
CA VAL B 119 -40.30 -24.11 -22.07
C VAL B 119 -41.11 -23.10 -22.86
N LYS B 120 -40.56 -22.62 -23.98
CA LYS B 120 -41.29 -21.62 -24.77
C LYS B 120 -40.99 -21.57 -26.25
N GLU B 121 -42.05 -21.44 -27.05
CA GLU B 121 -41.96 -21.29 -28.50
C GLU B 121 -42.55 -19.91 -28.75
N TYR B 122 -41.71 -18.95 -29.11
CA TYR B 122 -42.15 -17.58 -29.35
C TYR B 122 -42.18 -17.29 -30.85
N GLU B 123 -43.37 -17.09 -31.41
CA GLU B 123 -43.49 -16.81 -32.85
C GLU B 123 -42.92 -15.44 -33.17
N HIS B 124 -42.27 -15.33 -34.33
CA HIS B 124 -41.68 -14.05 -34.75
C HIS B 124 -42.77 -12.99 -34.91
N ARG B 125 -42.52 -11.78 -34.42
CA ARG B 125 -43.49 -10.70 -34.54
C ARG B 125 -42.91 -9.67 -35.52
N VAL B 126 -41.59 -9.55 -35.51
CA VAL B 126 -40.88 -8.65 -36.41
C VAL B 126 -39.75 -9.48 -37.07
N PRO B 127 -39.15 -8.96 -38.15
CA PRO B 127 -38.07 -9.71 -38.84
C PRO B 127 -36.92 -10.21 -37.96
N LEU B 128 -36.67 -11.52 -38.03
CA LEU B 128 -35.59 -12.15 -37.27
C LEU B 128 -34.27 -11.53 -37.72
N SER B 129 -34.23 -11.12 -38.99
CA SER B 129 -33.03 -10.53 -39.58
C SER B 129 -32.63 -9.22 -38.93
N SER B 130 -33.54 -8.62 -38.18
CA SER B 130 -33.29 -7.36 -37.48
C SER B 130 -32.36 -7.53 -36.27
N VAL B 131 -32.18 -8.77 -35.85
CA VAL B 131 -31.32 -9.08 -34.70
C VAL B 131 -29.84 -9.01 -35.05
N THR B 132 -29.19 -7.91 -34.67
CA THR B 132 -27.76 -7.72 -34.93
C THR B 132 -26.93 -7.79 -33.64
N HIS B 133 -27.59 -7.74 -32.49
CA HIS B 133 -26.91 -7.77 -31.19
C HIS B 133 -27.74 -8.50 -30.15
N PHE B 134 -27.12 -8.75 -29.00
CA PHE B 134 -27.80 -9.35 -27.87
C PHE B 134 -27.17 -8.78 -26.60
N SER B 135 -28.02 -8.48 -25.62
CA SER B 135 -27.56 -7.92 -24.35
C SER B 135 -28.16 -8.67 -23.17
N VAL B 136 -27.37 -8.81 -22.11
CA VAL B 136 -27.81 -9.46 -20.88
C VAL B 136 -27.51 -8.47 -19.77
N ASP B 137 -28.52 -8.14 -18.97
CA ASP B 137 -28.36 -7.19 -17.88
C ASP B 137 -29.11 -7.70 -16.65
N GLY B 138 -28.92 -7.04 -15.51
CA GLY B 138 -29.61 -7.44 -14.30
C GLY B 138 -28.82 -8.20 -13.24
N ASP B 139 -29.55 -8.66 -12.23
CA ASP B 139 -28.98 -9.39 -11.11
C ASP B 139 -28.57 -10.81 -11.48
N ILE B 140 -27.48 -10.90 -12.24
CA ILE B 140 -26.98 -12.21 -12.68
C ILE B 140 -25.49 -12.14 -12.95
N LEU B 141 -24.79 -13.23 -12.63
CA LEU B 141 -23.36 -13.29 -12.87
C LEU B 141 -23.10 -14.28 -14.00
N ILE B 142 -22.93 -13.75 -15.21
CA ILE B 142 -22.70 -14.57 -16.40
C ILE B 142 -21.41 -15.40 -16.34
N THR B 143 -21.52 -16.70 -16.60
CA THR B 143 -20.36 -17.58 -16.57
C THR B 143 -20.04 -18.20 -17.95
N TYR B 144 -21.01 -18.15 -18.86
CA TYR B 144 -20.81 -18.69 -20.20
C TYR B 144 -21.80 -18.16 -21.24
N ILE B 145 -21.26 -17.81 -22.41
CA ILE B 145 -22.06 -17.30 -23.52
C ILE B 145 -21.50 -17.89 -24.82
N HIS B 146 -22.39 -18.23 -25.73
CA HIS B 146 -22.01 -18.78 -27.01
C HIS B 146 -23.17 -18.73 -28.00
N TRP B 147 -22.87 -18.41 -29.24
CA TRP B 147 -23.89 -18.39 -30.26
C TRP B 147 -23.27 -19.01 -31.51
N GLY B 148 -24.07 -19.78 -32.23
CA GLY B 148 -23.57 -20.44 -33.42
C GLY B 148 -24.41 -21.66 -33.71
N GLY B 149 -23.83 -22.60 -34.45
CA GLY B 149 -24.57 -23.79 -34.80
C GLY B 149 -25.37 -23.55 -36.06
N LYS B 150 -26.15 -24.55 -36.45
CA LYS B 150 -26.98 -24.47 -37.65
C LYS B 150 -27.82 -25.73 -37.65
N TYR B 151 -28.55 -25.96 -38.74
CA TYR B 151 -29.33 -27.17 -38.84
C TYR B 151 -28.36 -28.23 -39.33
N TYR B 152 -27.99 -29.16 -38.45
CA TYR B 152 -27.07 -30.22 -38.83
C TYR B 152 -27.88 -31.45 -39.23
N PRO B 153 -27.69 -31.95 -40.47
CA PRO B 153 -28.45 -33.13 -40.88
C PRO B 153 -27.92 -34.38 -40.16
N VAL B 154 -28.83 -35.31 -39.89
CA VAL B 154 -28.46 -36.56 -39.24
C VAL B 154 -29.15 -37.69 -39.99
N PRO B 155 -28.40 -38.72 -40.40
CA PRO B 155 -26.95 -38.91 -40.17
C PRO B 155 -26.08 -37.76 -40.66
N TYR B 156 -25.01 -37.52 -39.90
CA TYR B 156 -24.06 -36.46 -40.18
C TYR B 156 -22.71 -37.08 -40.47
N GLU B 157 -21.95 -36.42 -41.32
CA GLU B 157 -20.63 -36.93 -41.68
C GLU B 157 -19.82 -35.76 -42.18
N SER B 158 -18.61 -35.59 -41.67
CA SER B 158 -17.79 -34.48 -42.10
C SER B 158 -16.32 -34.65 -41.72
N GLY B 159 -15.48 -33.83 -42.33
CA GLY B 159 -14.07 -33.86 -42.01
C GLY B 159 -13.83 -32.81 -40.95
N LEU B 160 -12.75 -32.94 -40.19
CA LEU B 160 -12.45 -31.95 -39.15
C LEU B 160 -11.30 -31.05 -39.59
N ALA B 161 -11.55 -29.74 -39.55
CA ALA B 161 -10.57 -28.71 -39.90
C ALA B 161 -9.34 -29.20 -40.68
N GLY B 162 -8.21 -29.33 -39.99
CA GLY B 162 -6.99 -29.78 -40.65
C GLY B 162 -6.25 -30.85 -39.88
N ASP B 163 -5.65 -30.48 -38.76
CA ASP B 163 -4.93 -31.45 -37.93
C ASP B 163 -5.93 -32.35 -37.21
N GLY B 164 -7.22 -32.13 -37.46
CA GLY B 164 -8.24 -32.93 -36.83
C GLY B 164 -8.27 -32.78 -35.32
N LEU B 165 -8.81 -33.78 -34.65
CA LEU B 165 -8.93 -33.79 -33.19
C LEU B 165 -7.73 -34.48 -32.55
N ALA B 166 -6.62 -33.76 -32.38
CA ALA B 166 -5.42 -34.34 -31.80
C ALA B 166 -5.26 -34.01 -30.31
N PRO B 167 -4.31 -34.67 -29.61
CA PRO B 167 -4.13 -34.36 -28.19
C PRO B 167 -4.03 -32.86 -27.98
N GLY B 168 -4.71 -32.35 -26.95
CA GLY B 168 -4.68 -30.93 -26.66
C GLY B 168 -5.85 -30.21 -27.29
N LYS B 169 -6.73 -30.96 -27.97
CA LYS B 169 -7.90 -30.37 -28.59
C LYS B 169 -9.14 -31.14 -28.19
N SER B 170 -10.30 -30.49 -28.24
CA SER B 170 -11.54 -31.15 -27.90
C SER B 170 -12.66 -30.79 -28.84
N LEU B 171 -13.59 -31.73 -28.96
CA LEU B 171 -14.75 -31.56 -29.81
C LEU B 171 -15.94 -31.37 -28.88
N LEU B 172 -16.70 -30.30 -29.12
CA LEU B 172 -17.85 -30.01 -28.29
C LEU B 172 -19.09 -30.20 -29.15
N ILE B 173 -20.04 -30.98 -28.67
CA ILE B 173 -21.26 -31.23 -29.42
C ILE B 173 -22.50 -31.00 -28.58
N PHE B 174 -23.40 -30.14 -29.09
CA PHE B 174 -24.67 -29.87 -28.42
C PHE B 174 -25.68 -30.72 -29.16
N ALA B 175 -26.43 -31.53 -28.41
CA ALA B 175 -27.40 -32.42 -29.02
C ALA B 175 -28.57 -32.68 -28.08
N THR B 176 -29.63 -33.24 -28.66
CA THR B 176 -30.82 -33.57 -27.89
C THR B 176 -31.32 -34.96 -28.30
N PRO B 177 -31.18 -35.95 -27.42
CA PRO B 177 -31.64 -37.31 -27.73
C PRO B 177 -33.12 -37.16 -28.09
N GLU B 178 -33.58 -37.85 -29.13
CA GLU B 178 -34.98 -37.72 -29.52
C GLU B 178 -35.95 -38.26 -28.47
N LYS B 179 -37.13 -37.67 -28.40
CA LYS B 179 -38.15 -38.05 -27.43
C LYS B 179 -38.48 -39.55 -27.39
N LYS B 180 -38.58 -40.17 -28.56
CA LYS B 180 -38.91 -41.59 -28.63
C LYS B 180 -37.74 -42.46 -29.07
N GLY B 181 -36.55 -41.89 -29.15
CA GLY B 181 -35.39 -42.65 -29.58
C GLY B 181 -34.92 -43.75 -28.66
N LYS B 182 -34.17 -44.69 -29.22
CA LYS B 182 -33.63 -45.82 -28.47
C LYS B 182 -32.13 -45.59 -28.25
N ARG B 183 -31.46 -45.12 -29.31
CA ARG B 183 -30.02 -44.87 -29.23
C ARG B 183 -29.51 -43.98 -30.35
N PHE B 184 -28.28 -43.50 -30.17
CA PHE B 184 -27.63 -42.71 -31.19
C PHE B 184 -26.15 -42.92 -30.95
N HIS B 185 -25.31 -42.40 -31.84
CA HIS B 185 -23.88 -42.59 -31.66
C HIS B 185 -23.07 -41.50 -32.32
N ILE B 186 -21.84 -41.37 -31.85
CA ILE B 186 -20.88 -40.41 -32.37
C ILE B 186 -19.58 -41.15 -32.62
N ASN B 187 -19.04 -41.04 -33.83
CA ASN B 187 -17.79 -41.70 -34.16
C ASN B 187 -16.68 -40.68 -34.46
N LEU B 188 -15.51 -40.90 -33.89
CA LEU B 188 -14.36 -40.05 -34.14
C LEU B 188 -13.50 -40.97 -34.99
N LEU B 189 -13.32 -40.64 -36.26
CA LEU B 189 -12.58 -41.53 -37.16
C LEU B 189 -11.21 -41.11 -37.66
N LYS B 190 -10.43 -42.12 -38.02
CA LYS B 190 -9.09 -41.92 -38.57
C LYS B 190 -9.25 -41.87 -40.10
N LYS B 191 -8.24 -41.37 -40.80
CA LYS B 191 -8.33 -41.24 -42.25
C LYS B 191 -8.58 -42.54 -43.01
N ASN B 192 -8.26 -43.68 -42.41
CA ASN B 192 -8.48 -44.97 -43.07
C ASN B 192 -9.85 -45.56 -42.73
N GLY B 193 -10.68 -44.78 -42.05
CA GLY B 193 -11.99 -45.29 -41.71
C GLY B 193 -12.06 -46.02 -40.38
N ASP B 194 -10.94 -46.25 -39.71
CA ASP B 194 -11.04 -46.91 -38.41
C ASP B 194 -11.73 -45.90 -37.47
N ILE B 195 -12.41 -46.40 -36.44
CA ILE B 195 -13.09 -45.53 -35.48
C ILE B 195 -12.33 -45.57 -34.16
N ALA B 196 -11.59 -44.50 -33.88
CA ALA B 196 -10.81 -44.43 -32.65
C ALA B 196 -11.75 -44.45 -31.45
N LEU B 197 -12.92 -43.84 -31.61
CA LEU B 197 -13.87 -43.82 -30.51
C LEU B 197 -15.31 -43.79 -30.97
N HIS B 198 -16.06 -44.81 -30.59
CA HIS B 198 -17.47 -44.94 -30.90
C HIS B 198 -18.14 -44.61 -29.55
N PHE B 199 -18.93 -43.56 -29.53
CA PHE B 199 -19.65 -43.12 -28.32
C PHE B 199 -21.11 -43.43 -28.64
N ASN B 200 -21.70 -44.35 -27.90
CA ASN B 200 -23.06 -44.79 -28.23
C ASN B 200 -24.02 -44.96 -27.05
N PRO B 201 -24.79 -43.91 -26.73
CA PRO B 201 -25.77 -43.96 -25.63
C PRO B 201 -26.95 -44.87 -26.00
N ARG B 202 -27.25 -45.82 -25.14
CA ARG B 202 -28.36 -46.74 -25.38
C ARG B 202 -29.38 -46.62 -24.25
N PHE B 203 -30.52 -46.03 -24.55
CA PHE B 203 -31.56 -45.85 -23.56
C PHE B 203 -32.27 -47.16 -23.24
N ASP B 204 -32.33 -48.06 -24.21
CA ASP B 204 -32.96 -49.36 -23.99
C ASP B 204 -32.10 -50.23 -23.08
N GLU B 205 -30.80 -49.96 -23.04
CA GLU B 205 -29.89 -50.74 -22.19
C GLU B 205 -29.40 -49.94 -21.00
N LYS B 206 -29.88 -48.70 -20.86
CA LYS B 206 -29.49 -47.85 -19.76
C LYS B 206 -27.97 -47.76 -19.60
N ALA B 207 -27.28 -47.42 -20.67
CA ALA B 207 -25.83 -47.32 -20.63
C ALA B 207 -25.26 -46.67 -21.88
N ILE B 208 -24.02 -46.22 -21.77
CA ILE B 208 -23.32 -45.62 -22.90
C ILE B 208 -22.14 -46.51 -23.25
N VAL B 209 -22.23 -47.13 -24.41
CA VAL B 209 -21.17 -48.01 -24.88
C VAL B 209 -20.07 -47.24 -25.59
N ARG B 210 -18.82 -47.54 -25.25
CA ARG B 210 -17.68 -46.92 -25.88
C ARG B 210 -16.89 -48.08 -26.47
N ASN B 211 -16.36 -47.93 -27.67
CA ASN B 211 -15.58 -48.98 -28.30
C ASN B 211 -14.81 -48.38 -29.46
N SER B 212 -14.01 -49.20 -30.14
CA SER B 212 -13.23 -48.75 -31.29
C SER B 212 -13.39 -49.81 -32.40
N LEU B 213 -13.31 -49.37 -33.64
CA LEU B 213 -13.41 -50.26 -34.79
C LEU B 213 -12.05 -50.24 -35.49
N ILE B 214 -11.34 -51.37 -35.43
CA ILE B 214 -10.02 -51.48 -36.03
C ILE B 214 -10.01 -52.58 -37.10
N SER B 215 -9.70 -52.20 -38.33
CA SER B 215 -9.68 -53.15 -39.45
C SER B 215 -11.01 -53.90 -39.54
N GLY B 216 -12.12 -53.17 -39.40
CA GLY B 216 -13.42 -53.78 -39.49
C GLY B 216 -13.87 -54.62 -38.31
N GLU B 217 -13.14 -54.57 -37.20
CA GLU B 217 -13.50 -55.36 -36.03
C GLU B 217 -13.76 -54.53 -34.78
N TRP B 218 -14.90 -54.78 -34.13
CA TRP B 218 -15.25 -54.07 -32.89
C TRP B 218 -14.39 -54.64 -31.77
N GLY B 219 -13.86 -53.75 -30.93
CA GLY B 219 -13.02 -54.19 -29.82
C GLY B 219 -13.80 -54.63 -28.61
N ASN B 220 -13.15 -54.57 -27.44
CA ASN B 220 -13.77 -55.00 -26.19
C ASN B 220 -15.17 -54.43 -25.96
N GLU B 221 -15.23 -53.19 -25.50
CA GLU B 221 -16.47 -52.47 -25.21
C GLU B 221 -16.46 -52.05 -23.75
N GLU B 222 -16.50 -50.74 -23.53
CA GLU B 222 -16.50 -50.19 -22.19
C GLU B 222 -17.82 -49.49 -21.94
N ARG B 223 -18.56 -49.98 -20.96
CA ARG B 223 -19.87 -49.40 -20.63
C ARG B 223 -19.98 -49.17 -19.13
N GLU B 224 -21.19 -48.94 -18.65
CA GLU B 224 -21.39 -48.71 -17.23
C GLU B 224 -20.78 -47.38 -16.81
N GLY B 225 -21.54 -46.63 -16.02
CA GLY B 225 -21.14 -45.33 -15.55
C GLY B 225 -22.42 -44.56 -15.33
N LYS B 226 -23.54 -45.26 -15.49
CA LYS B 226 -24.86 -44.68 -15.29
C LYS B 226 -25.11 -43.57 -16.31
N ASN B 227 -25.98 -43.89 -17.28
CA ASN B 227 -26.34 -42.97 -18.34
C ASN B 227 -26.96 -41.68 -17.82
N PRO B 228 -26.24 -40.55 -17.94
CA PRO B 228 -26.72 -39.25 -17.48
C PRO B 228 -27.64 -38.53 -18.49
N LEU B 229 -27.82 -39.14 -19.67
CA LEU B 229 -28.66 -38.53 -20.70
C LEU B 229 -30.14 -38.82 -20.49
N GLU B 230 -30.99 -37.95 -21.04
CA GLU B 230 -32.44 -38.13 -20.94
C GLU B 230 -33.09 -37.82 -22.28
N LYS B 231 -33.99 -38.69 -22.71
CA LYS B 231 -34.69 -38.50 -23.97
C LYS B 231 -35.42 -37.16 -23.97
N GLY B 232 -35.24 -36.38 -25.04
CA GLY B 232 -35.91 -35.10 -25.15
C GLY B 232 -35.24 -33.93 -24.46
N ILE B 233 -34.21 -34.19 -23.65
CA ILE B 233 -33.50 -33.12 -22.93
C ILE B 233 -32.14 -32.83 -23.59
N GLY B 234 -31.85 -31.56 -23.82
CA GLY B 234 -30.58 -31.19 -24.44
C GLY B 234 -29.37 -31.61 -23.62
N CYS B 235 -28.23 -31.78 -24.29
CA CYS B 235 -27.01 -32.15 -23.58
C CYS B 235 -25.75 -31.57 -24.22
N ASP B 236 -24.71 -31.44 -23.41
CA ASP B 236 -23.44 -30.90 -23.87
C ASP B 236 -22.44 -32.04 -23.76
N LEU B 237 -21.95 -32.48 -24.91
CA LEU B 237 -20.97 -33.56 -24.94
C LEU B 237 -19.62 -32.98 -25.31
N GLU B 238 -18.58 -33.43 -24.63
CA GLU B 238 -17.26 -32.92 -24.93
C GLU B 238 -16.26 -34.05 -24.91
N PHE B 239 -15.55 -34.18 -26.02
CA PHE B 239 -14.55 -35.21 -26.18
C PHE B 239 -13.16 -34.56 -26.16
N ARG B 240 -12.53 -34.55 -24.99
CA ARG B 240 -11.21 -33.95 -24.86
C ARG B 240 -10.13 -34.96 -25.18
N ASN B 241 -9.41 -34.70 -26.25
CA ASN B 241 -8.35 -35.59 -26.66
C ASN B 241 -7.11 -35.23 -25.85
N GLU B 242 -6.63 -36.17 -25.05
CA GLU B 242 -5.44 -35.92 -24.25
C GLU B 242 -4.35 -36.93 -24.60
N GLU B 243 -3.18 -36.74 -24.01
CA GLU B 243 -2.04 -37.60 -24.29
C GLU B 243 -2.26 -39.10 -24.22
N TYR B 244 -2.91 -39.59 -23.17
CA TYR B 244 -3.11 -41.04 -23.02
C TYR B 244 -4.56 -41.52 -23.16
N ALA B 245 -5.50 -40.60 -23.17
CA ALA B 245 -6.89 -40.99 -23.29
C ALA B 245 -7.79 -39.83 -23.64
N PHE B 246 -9.01 -40.17 -24.05
CA PHE B 246 -10.03 -39.18 -24.36
C PHE B 246 -10.68 -38.97 -23.00
N GLN B 247 -10.96 -37.72 -22.65
CA GLN B 247 -11.64 -37.44 -21.40
C GLN B 247 -13.02 -37.06 -21.89
N ILE B 248 -14.00 -37.89 -21.58
CA ILE B 248 -15.37 -37.68 -22.05
C ILE B 248 -16.25 -36.96 -21.03
N TYR B 249 -16.69 -35.77 -21.40
CA TYR B 249 -17.55 -34.95 -20.55
C TYR B 249 -18.98 -34.89 -21.03
N VAL B 250 -19.90 -35.00 -20.08
CA VAL B 250 -21.33 -34.95 -20.32
C VAL B 250 -21.92 -33.96 -19.31
N ASP B 251 -22.42 -32.84 -19.84
CA ASP B 251 -23.01 -31.78 -19.04
C ASP B 251 -22.05 -31.17 -18.00
N GLY B 252 -20.81 -30.94 -18.41
CA GLY B 252 -19.84 -30.34 -17.51
C GLY B 252 -19.13 -31.29 -16.55
N GLU B 253 -19.65 -32.51 -16.42
CA GLU B 253 -19.05 -33.50 -15.52
C GLU B 253 -18.26 -34.52 -16.33
N ARG B 254 -17.15 -35.00 -15.78
CA ARG B 254 -16.36 -36.00 -16.48
C ARG B 254 -17.12 -37.31 -16.35
N PHE B 255 -17.64 -37.81 -17.46
CA PHE B 255 -18.39 -39.06 -17.46
C PHE B 255 -17.50 -40.29 -17.52
N ALA B 256 -16.42 -40.20 -18.28
CA ALA B 256 -15.52 -41.34 -18.40
C ALA B 256 -14.22 -40.98 -19.09
N THR B 257 -13.29 -41.93 -19.08
CA THR B 257 -12.02 -41.76 -19.75
C THR B 257 -11.92 -42.97 -20.67
N TYR B 258 -11.30 -42.80 -21.83
CA TYR B 258 -11.17 -43.88 -22.77
C TYR B 258 -9.74 -43.94 -23.28
N ALA B 259 -8.98 -44.93 -22.81
CA ALA B 259 -7.59 -45.08 -23.22
C ALA B 259 -7.51 -45.22 -24.73
N HIS B 260 -6.55 -44.51 -25.33
CA HIS B 260 -6.37 -44.56 -26.79
C HIS B 260 -5.98 -45.96 -27.26
N ARG B 261 -6.76 -46.50 -28.19
CA ARG B 261 -6.45 -47.81 -28.74
C ARG B 261 -5.75 -47.61 -30.07
N LEU B 262 -5.95 -46.44 -30.64
CA LEU B 262 -5.30 -46.08 -31.90
C LEU B 262 -4.52 -44.80 -31.63
N ASP B 263 -3.43 -44.61 -32.38
CA ASP B 263 -2.62 -43.43 -32.24
C ASP B 263 -3.54 -42.21 -32.28
N PRO B 264 -3.43 -41.32 -31.28
CA PRO B 264 -4.33 -40.16 -31.39
C PRO B 264 -3.80 -39.42 -32.64
N HIS B 265 -3.94 -38.11 -32.73
CA HIS B 265 -3.42 -37.43 -33.93
C HIS B 265 -4.10 -37.91 -35.22
N ASP B 266 -4.39 -36.95 -36.09
CA ASP B 266 -5.01 -37.25 -37.38
C ASP B 266 -6.40 -37.88 -37.29
N ILE B 267 -7.13 -37.56 -36.23
CA ILE B 267 -8.49 -38.06 -36.10
C ILE B 267 -9.28 -36.94 -36.77
N ASN B 268 -9.47 -37.06 -38.08
CA ASN B 268 -10.15 -36.03 -38.86
C ASN B 268 -11.52 -36.41 -39.41
N GLY B 269 -12.15 -37.42 -38.82
CA GLY B 269 -13.46 -37.82 -39.30
C GLY B 269 -14.50 -37.80 -38.19
N LEU B 270 -15.69 -37.32 -38.51
CA LEU B 270 -16.78 -37.25 -37.55
C LEU B 270 -18.05 -37.79 -38.20
N GLN B 271 -18.74 -38.67 -37.48
CA GLN B 271 -20.01 -39.22 -37.94
C GLN B 271 -20.94 -39.20 -36.73
N ILE B 272 -22.19 -38.86 -36.99
CA ILE B 272 -23.19 -38.86 -35.94
C ILE B 272 -24.42 -39.52 -36.56
N GLY B 273 -25.00 -40.48 -35.85
CA GLY B 273 -26.18 -41.16 -36.37
C GLY B 273 -27.13 -41.61 -35.27
N GLY B 274 -28.26 -42.18 -35.66
CA GLY B 274 -29.22 -42.65 -34.67
C GLY B 274 -30.33 -41.65 -34.38
N ASP B 275 -30.99 -41.84 -33.24
CA ASP B 275 -32.12 -40.99 -32.86
C ASP B 275 -31.68 -39.77 -32.06
N VAL B 276 -31.17 -38.78 -32.75
CA VAL B 276 -30.69 -37.56 -32.11
C VAL B 276 -30.72 -36.35 -33.02
N GLU B 277 -30.94 -35.18 -32.43
CA GLU B 277 -30.94 -33.93 -33.17
C GLU B 277 -29.68 -33.19 -32.69
N VAL B 278 -28.89 -32.70 -33.64
CA VAL B 278 -27.66 -31.99 -33.32
C VAL B 278 -27.85 -30.50 -33.55
N THR B 279 -27.50 -29.69 -32.55
CA THR B 279 -27.66 -28.24 -32.65
C THR B 279 -26.34 -27.47 -32.65
N GLY B 280 -25.24 -28.18 -32.39
CA GLY B 280 -23.96 -27.51 -32.39
C GLY B 280 -22.78 -28.47 -32.43
N ILE B 281 -21.74 -28.08 -33.17
CA ILE B 281 -20.53 -28.88 -33.29
C ILE B 281 -19.40 -27.86 -33.34
N GLN B 282 -18.42 -27.99 -32.45
CA GLN B 282 -17.31 -27.06 -32.46
C GLN B 282 -15.99 -27.70 -32.01
N MET B 283 -14.93 -27.35 -32.72
CA MET B 283 -13.59 -27.84 -32.44
C MET B 283 -12.80 -26.73 -31.76
N VAL B 284 -12.22 -27.06 -30.61
CA VAL B 284 -11.44 -26.10 -29.82
C VAL B 284 -10.02 -26.61 -29.61
#